data_9FO8
#
_entry.id   9FO8
#
_entity_poly.entity_id   1
_entity_poly.type   'polyribonucleotide'
_entity_poly.pdbx_seq_one_letter_code
;GGCACAUCUAGGUUUCGUCCGGGUGUGCC
;
_entity_poly.pdbx_strand_id   A
#
loop_
_chem_comp.id
_chem_comp.type
_chem_comp.name
_chem_comp.formula
A RNA linking ADENOSINE-5'-MONOPHOSPHATE 'C10 H14 N5 O7 P'
C RNA linking CYTIDINE-5'-MONOPHOSPHATE 'C9 H14 N3 O8 P'
G RNA linking GUANOSINE-5'-MONOPHOSPHATE 'C10 H14 N5 O8 P'
U RNA linking URIDINE-5'-MONOPHOSPHATE 'C9 H13 N2 O9 P'
#